data_6JCE
#
_entry.id   6JCE
#
_entity_poly.entity_id   1
_entity_poly.type   'polydeoxyribonucleotide'
_entity_poly.pdbx_seq_one_letter_code
;(DG)(DG)(DT)(DT)(DG)(DG)(DT)(DG)(DT)(DG)(DG)(DT)(DT)(DG)(DG)(DT)(DT)(DG)(DT)(DG)
(DG)(DT)(DG)(DG)(DT)(DG)(DG)(DT)(DG)
;
_entity_poly.pdbx_strand_id   A
#
loop_
_chem_comp.id
_chem_comp.type
_chem_comp.name
_chem_comp.formula
DG DNA linking 2'-DEOXYGUANOSINE-5'-MONOPHOSPHATE 'C10 H14 N5 O7 P'
DT DNA linking THYMIDINE-5'-MONOPHOSPHATE 'C10 H15 N2 O8 P'
#